data_9BZ1
#
_entry.id   9BZ1
#
_cell.length_a   115.069
_cell.length_b   47.642
_cell.length_c   113.791
_cell.angle_alpha   90.00
_cell.angle_beta   120.42
_cell.angle_gamma   90.00
#
_symmetry.space_group_name_H-M   'C 1 2 1'
#
loop_
_entity.id
_entity.type
_entity.pdbx_description
1 polymer 'RNA (84-MER)'
2 non-polymer 'MAGNESIUM ION'
3 non-polymer 5-amino-1H-imidazole-4-carboxamide
4 non-polymer 'POTASSIUM ION'
5 water water
#
_entity_poly.entity_id   1
_entity_poly.type   'polyribonucleotide'
_entity_poly.pdbx_seq_one_letter_code
;UAGUCAUAUGACUGACGGAAGUGGAGUUACCACAUGAAGUAUGACUAGGCAUAUUAUCUUAUAUGCCACAAAAAGCCGAC
CGUCUGGGC
;
_entity_poly.pdbx_strand_id   A,B
#